data_6RO2
#
_entry.id   6RO2
#
_cell.length_a   91.361
_cell.length_b   91.361
_cell.length_c   141.031
_cell.angle_alpha   90.000
_cell.angle_beta   90.000
_cell.angle_gamma   90.000
#
_symmetry.space_group_name_H-M   'P 41 21 2'
#
loop_
_entity.id
_entity.type
_entity.pdbx_description
1 polymer 'Formamidopyrimidine-DNA glycosylase'
2 polymer "DNA (5'-D(*CP*TP*CP*TP*TP*TP*(3DR)P*TP*TP*TP*CP*TP*CP*G)-3')"
3 polymer "DNA (5'-D(*GP*CP*GP*AP*GP*AP*AP*AP*CP*AP*AP*AP*GP*A)-3')"
4 non-polymer GLYCEROL
5 non-polymer 2-sulfanyl-1,9-dihydro-6H-purin-6-one
6 water water
#
loop_
_entity_poly.entity_id
_entity_poly.type
_entity_poly.pdbx_seq_one_letter_code
_entity_poly.pdbx_strand_id
1 'polypeptide(L)'
;PELPEVETVRRELEKRIVGQKIISIEATYPRMVLTGFEQLKKELTGKTIQGISRRGKYLIFEIGDDFRLISHLRMEGKYR
LATLDAPREKHDHLTMKFADGQLIYADVRKFGTWELISTDQVLPYFLKKKIGPEPTYEDFDEKLFREKLRKSTKKIKPYL
LEQTLVAGLGNIYVDEVLWLAKIHPEKETNQLIESSIHLLHDSIIEILQKAIKLGGSSIRTYSALGSTGKMQNELQVYGK
TGEKCSRCGAEIQKIKVAGRGTHFCPVCQQK
;
A
2 'polydeoxyribonucleotide' (DC)(DT)(DC)(DT)(DT)(DT)(3DR)(DT)(DT)(DT)(DC)(DT)(DC)(DG) B
3 'polydeoxyribonucleotide' (DG)(DC)(DG)(DA)(DG)(DA)(DA)(DA)(DC)(DA)(DA)(DA)(DG)(DA) C
#
loop_
_chem_comp.id
_chem_comp.type
_chem_comp.name
_chem_comp.formula
2ON non-polymer 2-sulfanyl-1,9-dihydro-6H-purin-6-one 'C5 H4 N4 O S'
3DR DNA linking 1',2'-DIDEOXYRIBOFURANOSE-5'-PHOSPHATE 'C5 H11 O6 P'
DA DNA linking 2'-DEOXYADENOSINE-5'-MONOPHOSPHATE 'C10 H14 N5 O6 P'
DC DNA linking 2'-DEOXYCYTIDINE-5'-MONOPHOSPHATE 'C9 H14 N3 O7 P'
DG DNA linking 2'-DEOXYGUANOSINE-5'-MONOPHOSPHATE 'C10 H14 N5 O7 P'
DT DNA linking THYMIDINE-5'-MONOPHOSPHATE 'C10 H15 N2 O8 P'
GOL non-polymer GLYCEROL 'C3 H8 O3'
#
# COMPACT_ATOMS: atom_id res chain seq x y z
N PRO A 1 -1.82 5.54 -1.67
CA PRO A 1 -0.66 5.05 -0.92
C PRO A 1 -0.21 3.64 -1.33
N GLU A 2 1.07 3.34 -1.11
CA GLU A 2 1.58 2.00 -1.34
C GLU A 2 2.00 1.44 0.02
N LEU A 3 2.67 0.29 0.03
CA LEU A 3 2.92 -0.37 1.32
C LEU A 3 3.62 0.54 2.34
N PRO A 4 4.68 1.28 1.93
CA PRO A 4 5.36 2.11 2.94
C PRO A 4 4.46 3.19 3.57
N GLU A 5 3.56 3.76 2.79
CA GLU A 5 2.64 4.77 3.30
C GLU A 5 1.61 4.13 4.24
N VAL A 6 1.13 2.96 3.86
CA VAL A 6 0.15 2.27 4.70
C VAL A 6 0.81 1.84 6.02
N GLU A 7 2.06 1.39 5.94
CA GLU A 7 2.77 0.99 7.16
C GLU A 7 2.98 2.20 8.08
N THR A 8 3.24 3.35 7.49
CA THR A 8 3.46 4.55 8.28
C THR A 8 2.17 4.91 9.04
N VAL A 9 1.04 4.81 8.35
CA VAL A 9 -0.26 5.08 8.95
C VAL A 9 -0.52 4.07 10.06
N ARG A 10 -0.24 2.80 9.77
CA ARG A 10 -0.42 1.73 10.74
C ARG A 10 0.33 2.04 12.03
N ARG A 11 1.59 2.46 11.91
CA ARG A 11 2.40 2.74 13.07
C ARG A 11 1.86 3.91 13.90
N GLU A 12 1.40 4.97 13.24
CA GLU A 12 0.85 6.12 13.95
CA GLU A 12 0.87 6.12 14.00
C GLU A 12 -0.43 5.74 14.67
N LEU A 13 -1.31 5.02 13.97
CA LEU A 13 -2.56 4.57 14.56
C LEU A 13 -2.34 3.66 15.77
N GLU A 14 -1.37 2.75 15.65
CA GLU A 14 -1.06 1.81 16.71
C GLU A 14 -0.70 2.55 18.00
N LYS A 15 0.01 3.67 17.87
CA LYS A 15 0.39 4.49 19.01
C LYS A 15 -0.78 5.22 19.65
N ARG A 16 -1.77 5.60 18.85
CA ARG A 16 -2.83 6.48 19.33
C ARG A 16 -4.13 5.79 19.73
N ILE A 17 -4.59 4.80 18.97
CA ILE A 17 -5.95 4.32 19.18
C ILE A 17 -6.06 2.92 19.77
N VAL A 18 -4.94 2.23 19.94
CA VAL A 18 -5.00 0.93 20.60
C VAL A 18 -5.42 1.12 22.05
N GLY A 19 -6.36 0.31 22.51
CA GLY A 19 -6.88 0.43 23.87
C GLY A 19 -8.14 1.26 23.92
N GLN A 20 -8.48 1.89 22.81
CA GLN A 20 -9.59 2.83 22.80
C GLN A 20 -10.94 2.16 22.50
N LYS A 21 -11.96 2.48 23.28
CA LYS A 21 -13.30 1.98 23.05
C LYS A 21 -14.03 2.82 22.02
N ILE A 22 -14.63 2.17 21.03
CA ILE A 22 -15.42 2.87 20.02
C ILE A 22 -16.78 3.24 20.58
N ILE A 23 -17.04 4.53 20.69
CA ILE A 23 -18.31 5.00 21.24
C ILE A 23 -19.41 5.00 20.19
N SER A 24 -19.08 5.46 18.99
CA SER A 24 -20.05 5.41 17.89
C SER A 24 -19.34 5.41 16.56
N ILE A 25 -20.07 5.01 15.52
CA ILE A 25 -19.52 5.03 14.17
C ILE A 25 -20.54 5.67 13.26
N GLU A 26 -20.11 6.63 12.44
CA GLU A 26 -21.02 7.39 11.59
C GLU A 26 -20.51 7.41 10.14
N ALA A 27 -21.43 7.43 9.18
CA ALA A 27 -21.05 7.42 7.76
C ALA A 27 -21.84 8.45 6.96
N THR A 28 -21.16 9.21 6.11
CA THR A 28 -21.86 10.01 5.11
C THR A 28 -21.78 9.31 3.76
N TYR A 29 -20.87 8.35 3.65
CA TYR A 29 -20.76 7.50 2.46
C TYR A 29 -20.71 6.02 2.83
N PRO A 30 -21.84 5.49 3.32
CA PRO A 30 -21.87 4.09 3.77
C PRO A 30 -21.54 3.07 2.67
N ARG A 31 -21.69 3.46 1.41
CA ARG A 31 -21.41 2.56 0.30
C ARG A 31 -19.94 2.08 0.23
N MET A 32 -19.02 2.77 0.92
CA MET A 32 -17.64 2.27 0.93
C MET A 32 -17.44 1.11 1.91
N VAL A 33 -18.46 0.84 2.73
CA VAL A 33 -18.39 -0.30 3.63
C VAL A 33 -19.00 -1.50 2.91
N LEU A 34 -18.14 -2.28 2.26
CA LEU A 34 -18.61 -3.29 1.30
C LEU A 34 -19.39 -4.42 1.97
N THR A 35 -19.15 -4.65 3.26
CA THR A 35 -19.83 -5.73 3.97
C THR A 35 -21.14 -5.24 4.59
N GLY A 36 -21.41 -3.95 4.48
CA GLY A 36 -22.68 -3.38 4.96
C GLY A 36 -22.48 -2.49 6.17
N PHE A 37 -22.86 -1.23 6.05
CA PHE A 37 -22.59 -0.29 7.13
C PHE A 37 -23.39 -0.60 8.40
N GLU A 38 -24.67 -0.95 8.27
CA GLU A 38 -25.48 -1.25 9.44
CA GLU A 38 -25.50 -1.31 9.42
C GLU A 38 -24.83 -2.36 10.28
N GLN A 39 -24.39 -3.42 9.61
CA GLN A 39 -23.77 -4.56 10.28
C GLN A 39 -22.51 -4.13 11.00
N LEU A 40 -21.67 -3.37 10.31
CA LEU A 40 -20.40 -2.92 10.90
C LEU A 40 -20.65 -2.04 12.13
N LYS A 41 -21.60 -1.11 12.01
CA LYS A 41 -21.95 -0.25 13.13
C LYS A 41 -22.42 -1.07 14.32
N LYS A 42 -23.28 -2.04 14.06
CA LYS A 42 -23.84 -2.86 15.13
C LYS A 42 -22.77 -3.70 15.80
N GLU A 43 -21.88 -4.28 15.02
CA GLU A 43 -20.89 -5.20 15.58
C GLU A 43 -19.76 -4.48 16.30
N LEU A 44 -19.33 -3.33 15.77
CA LEU A 44 -18.12 -2.69 16.32
C LEU A 44 -18.36 -1.63 17.39
N THR A 45 -19.57 -1.09 17.46
CA THR A 45 -19.84 -0.06 18.46
C THR A 45 -19.68 -0.63 19.86
N GLY A 46 -18.92 0.06 20.72
CA GLY A 46 -18.72 -0.42 22.07
C GLY A 46 -17.57 -1.39 22.23
N LYS A 47 -16.93 -1.77 21.13
CA LYS A 47 -15.77 -2.65 21.18
C LYS A 47 -14.48 -1.85 21.34
N THR A 48 -13.43 -2.49 21.84
CA THR A 48 -12.14 -1.85 22.03
C THR A 48 -11.12 -2.27 20.98
N ILE A 49 -10.38 -1.30 20.44
CA ILE A 49 -9.35 -1.61 19.46
C ILE A 49 -8.16 -2.28 20.13
N GLN A 50 -7.83 -3.48 19.66
CA GLN A 50 -6.77 -4.28 20.29
C GLN A 50 -5.43 -4.10 19.58
N GLY A 51 -5.47 -3.70 18.32
CA GLY A 51 -4.23 -3.60 17.56
C GLY A 51 -4.49 -3.19 16.13
N ILE A 52 -3.42 -2.85 15.41
CA ILE A 52 -3.51 -2.54 13.99
C ILE A 52 -2.41 -3.29 13.26
N SER A 53 -2.80 -4.05 12.23
CA SER A 53 -1.83 -4.82 11.47
C SER A 53 -1.91 -4.38 10.03
N ARG A 54 -1.08 -5.00 9.19
CA ARG A 54 -1.06 -4.67 7.76
C ARG A 54 -0.73 -5.92 6.97
N ARG A 55 -1.32 -6.04 5.79
CA ARG A 55 -0.95 -7.10 4.86
C ARG A 55 -0.90 -6.44 3.50
N GLY A 56 0.26 -6.45 2.83
CA GLY A 56 0.38 -5.66 1.61
C GLY A 56 -0.05 -4.22 1.83
N LYS A 57 -0.95 -3.72 0.98
CA LYS A 57 -1.45 -2.34 1.15
C LYS A 57 -2.71 -2.25 2.01
N TYR A 58 -3.10 -3.36 2.63
CA TYR A 58 -4.33 -3.41 3.45
C TYR A 58 -4.05 -3.13 4.91
N LEU A 59 -4.81 -2.20 5.50
CA LEU A 59 -4.79 -1.98 6.93
C LEU A 59 -5.76 -2.93 7.60
N ILE A 60 -5.39 -3.46 8.76
CA ILE A 60 -6.26 -4.41 9.45
C ILE A 60 -6.45 -3.94 10.88
N PHE A 61 -7.64 -3.41 11.18
CA PHE A 61 -7.95 -3.04 12.56
C PHE A 61 -8.41 -4.28 13.32
N GLU A 62 -7.79 -4.57 14.46
CA GLU A 62 -8.21 -5.69 15.29
C GLU A 62 -9.13 -5.14 16.38
N ILE A 63 -10.41 -5.45 16.27
CA ILE A 63 -11.42 -4.80 17.11
C ILE A 63 -12.23 -5.87 17.82
N GLY A 64 -11.99 -6.03 19.11
CA GLY A 64 -12.49 -7.18 19.84
C GLY A 64 -11.75 -8.43 19.39
N ASP A 65 -12.02 -9.55 20.05
CA ASP A 65 -11.34 -10.80 19.72
C ASP A 65 -11.78 -11.35 18.36
N ASP A 66 -13.00 -11.05 17.96
CA ASP A 66 -13.64 -11.85 16.91
C ASP A 66 -13.86 -11.11 15.59
N PHE A 67 -13.47 -9.84 15.53
CA PHE A 67 -13.62 -9.09 14.29
C PHE A 67 -12.39 -8.32 13.87
N ARG A 68 -12.21 -8.20 12.56
CA ARG A 68 -11.21 -7.31 12.02
C ARG A 68 -11.85 -6.41 10.99
N LEU A 69 -11.39 -5.18 10.95
CA LEU A 69 -11.85 -4.22 9.97
C LEU A 69 -10.74 -4.07 8.94
N ILE A 70 -10.97 -4.54 7.72
CA ILE A 70 -9.95 -4.47 6.69
C ILE A 70 -10.21 -3.23 5.84
N SER A 71 -9.21 -2.34 5.82
CA SER A 71 -9.34 -1.03 5.19
C SER A 71 -8.33 -0.91 4.07
N HIS A 72 -8.80 -0.49 2.90
CA HIS A 72 -7.89 -0.20 1.79
C HIS A 72 -8.06 1.26 1.40
N LEU A 73 -6.94 1.97 1.29
CA LEU A 73 -6.98 3.39 1.04
C LEU A 73 -6.97 3.71 -0.45
N ARG A 74 -6.79 2.66 -1.26
CA ARG A 74 -6.70 2.77 -2.71
C ARG A 74 -5.83 3.94 -3.15
N MET A 75 -6.38 4.87 -3.94
CA MET A 75 -5.53 5.91 -4.54
C MET A 75 -5.29 7.12 -3.65
N GLU A 76 -6.30 7.55 -2.90
CA GLU A 76 -6.22 8.84 -2.22
C GLU A 76 -6.73 8.85 -0.76
N GLY A 77 -6.98 7.67 -0.21
CA GLY A 77 -7.54 7.56 1.13
C GLY A 77 -6.63 8.17 2.17
N LYS A 78 -7.23 8.85 3.16
CA LYS A 78 -6.48 9.54 4.21
C LYS A 78 -7.21 9.42 5.54
N TYR A 79 -6.49 9.05 6.59
CA TYR A 79 -7.01 9.09 7.96
C TYR A 79 -6.50 10.29 8.73
N ARG A 80 -7.31 10.81 9.64
CA ARG A 80 -6.78 11.78 10.60
C ARG A 80 -7.47 11.59 11.94
N LEU A 81 -6.76 11.98 13.00
CA LEU A 81 -7.32 11.99 14.34
C LEU A 81 -7.67 13.41 14.72
N ALA A 82 -8.94 13.65 15.03
CA ALA A 82 -9.44 14.99 15.27
C ALA A 82 -10.21 15.06 16.57
N THR A 83 -10.40 16.26 17.09
CA THR A 83 -11.20 16.44 18.29
C THR A 83 -12.64 16.12 17.94
N LEU A 84 -13.47 15.88 18.96
CA LEU A 84 -14.85 15.48 18.68
C LEU A 84 -15.67 16.62 18.07
N ASP A 85 -15.24 17.86 18.24
CA ASP A 85 -15.99 18.98 17.68
C ASP A 85 -15.39 19.47 16.35
N ALA A 86 -14.52 18.67 15.75
CA ALA A 86 -13.92 19.07 14.48
C ALA A 86 -15.02 19.18 13.42
N PRO A 87 -14.93 20.22 12.58
CA PRO A 87 -15.90 20.40 11.51
C PRO A 87 -15.74 19.36 10.42
N ARG A 88 -16.82 19.07 9.71
CA ARG A 88 -16.76 18.12 8.61
C ARG A 88 -16.05 18.77 7.43
N GLU A 89 -15.19 18.01 6.75
CA GLU A 89 -14.57 18.47 5.52
C GLU A 89 -15.22 17.76 4.34
N LYS A 90 -15.09 18.34 3.15
CA LYS A 90 -15.87 17.93 1.99
C LYS A 90 -15.80 16.43 1.65
N HIS A 91 -14.62 15.83 1.73
CA HIS A 91 -14.52 14.45 1.31
C HIS A 91 -14.37 13.45 2.46
N ASP A 92 -14.79 13.88 3.66
CA ASP A 92 -14.88 12.96 4.81
C ASP A 92 -16.02 11.98 4.55
N HIS A 93 -15.81 10.69 4.82
CA HIS A 93 -16.85 9.70 4.56
C HIS A 93 -17.30 8.89 5.77
N LEU A 94 -16.37 8.65 6.70
CA LEU A 94 -16.64 7.77 7.84
C LEU A 94 -15.95 8.32 9.06
N THR A 95 -16.54 8.12 10.22
CA THR A 95 -15.81 8.47 11.43
C THR A 95 -16.08 7.42 12.51
N MET A 96 -14.99 7.11 13.21
CA MET A 96 -15.00 6.25 14.37
C MET A 96 -14.80 7.16 15.57
N LYS A 97 -15.83 7.34 16.40
CA LYS A 97 -15.73 8.27 17.52
C LYS A 97 -15.34 7.56 18.80
N PHE A 98 -14.34 8.12 19.48
CA PHE A 98 -13.92 7.66 20.79
C PHE A 98 -14.39 8.65 21.85
N ALA A 99 -14.01 8.42 23.10
CA ALA A 99 -14.45 9.30 24.18
C ALA A 99 -13.78 10.67 24.10
N ASP A 100 -12.58 10.72 23.50
CA ASP A 100 -11.74 11.92 23.57
C ASP A 100 -11.20 12.34 22.22
N GLY A 101 -11.79 11.84 21.14
CA GLY A 101 -11.34 12.21 19.80
C GLY A 101 -12.04 11.30 18.81
N GLN A 102 -11.77 11.50 17.52
CA GLN A 102 -12.36 10.65 16.51
C GLN A 102 -11.38 10.37 15.38
N LEU A 103 -11.53 9.22 14.77
CA LEU A 103 -10.74 8.82 13.61
C LEU A 103 -11.57 9.00 12.33
N ILE A 104 -11.17 9.92 11.47
CA ILE A 104 -11.98 10.24 10.30
C ILE A 104 -11.30 9.72 9.05
N TYR A 105 -12.06 9.06 8.18
CA TYR A 105 -11.57 8.62 6.89
C TYR A 105 -12.11 9.52 5.78
N ALA A 106 -11.20 10.04 4.95
CA ALA A 106 -11.57 10.88 3.82
C ALA A 106 -10.96 10.30 2.55
N ASP A 107 -11.62 10.52 1.42
CA ASP A 107 -11.14 9.95 0.17
C ASP A 107 -11.79 10.70 -0.98
N VAL A 108 -11.05 11.60 -1.63
CA VAL A 108 -11.64 12.43 -2.69
C VAL A 108 -12.32 11.56 -3.74
N ARG A 109 -11.66 10.49 -4.14
CA ARG A 109 -12.16 9.73 -5.28
C ARG A 109 -13.15 8.62 -4.88
N LYS A 110 -13.34 8.43 -3.58
CA LYS A 110 -14.30 7.45 -3.05
C LYS A 110 -13.94 5.99 -3.43
N PHE A 111 -12.65 5.71 -3.65
CA PHE A 111 -12.24 4.36 -4.06
C PHE A 111 -12.02 3.43 -2.85
N GLY A 112 -11.56 4.00 -1.73
CA GLY A 112 -11.19 3.23 -0.57
C GLY A 112 -12.35 2.42 0.00
N THR A 113 -12.03 1.32 0.69
CA THR A 113 -13.05 0.40 1.15
C THR A 113 -12.85 -0.04 2.59
N TRP A 114 -13.95 -0.36 3.25
CA TRP A 114 -13.96 -1.02 4.56
C TRP A 114 -14.67 -2.34 4.43
N GLU A 115 -14.11 -3.38 5.04
CA GLU A 115 -14.78 -4.67 5.10
C GLU A 115 -14.68 -5.26 6.49
N LEU A 116 -15.81 -5.64 7.06
CA LEU A 116 -15.84 -6.32 8.35
C LEU A 116 -15.68 -7.83 8.17
N ILE A 117 -14.64 -8.41 8.76
CA ILE A 117 -14.29 -9.81 8.54
C ILE A 117 -14.11 -10.49 9.88
N SER A 118 -14.66 -11.68 10.08
CA SER A 118 -14.42 -12.37 11.34
C SER A 118 -12.95 -12.77 11.44
N THR A 119 -12.45 -12.85 12.66
CA THR A 119 -11.02 -13.11 12.85
C THR A 119 -10.52 -14.36 12.11
N ASP A 120 -11.26 -15.48 12.18
CA ASP A 120 -10.75 -16.70 11.54
C ASP A 120 -10.93 -16.70 10.01
N GLN A 121 -11.44 -15.59 9.48
CA GLN A 121 -11.61 -15.45 8.02
C GLN A 121 -10.59 -14.48 7.42
N VAL A 122 -9.72 -13.89 8.24
CA VAL A 122 -8.72 -12.96 7.72
C VAL A 122 -7.69 -13.69 6.84
N LEU A 123 -7.13 -14.81 7.30
CA LEU A 123 -6.16 -15.49 6.43
C LEU A 123 -6.83 -15.99 5.12
N PRO A 124 -8.03 -16.61 5.19
CA PRO A 124 -8.73 -16.96 3.94
C PRO A 124 -9.00 -15.76 3.01
N TYR A 125 -9.31 -14.61 3.57
CA TYR A 125 -9.54 -13.39 2.78
C TYR A 125 -8.34 -13.08 1.88
N PHE A 126 -7.13 -13.14 2.45
CA PHE A 126 -5.96 -12.80 1.67
C PHE A 126 -5.53 -13.95 0.75
N LEU A 127 -5.78 -15.20 1.17
CA LEU A 127 -5.57 -16.34 0.28
C LEU A 127 -6.44 -16.22 -0.98
N LYS A 128 -7.70 -15.83 -0.80
CA LYS A 128 -8.63 -15.73 -1.93
C LYS A 128 -8.13 -14.68 -2.94
N LYS A 129 -7.51 -13.62 -2.45
CA LYS A 129 -6.99 -12.57 -3.32
C LYS A 129 -5.59 -12.90 -3.88
N LYS A 130 -5.04 -14.01 -3.44
CA LYS A 130 -3.75 -14.53 -3.92
C LYS A 130 -2.60 -13.56 -3.67
N ILE A 131 -2.69 -12.80 -2.59
CA ILE A 131 -1.67 -11.82 -2.25
C ILE A 131 -0.33 -12.53 -2.01
N GLY A 132 0.74 -12.01 -2.58
CA GLY A 132 2.05 -12.63 -2.45
C GLY A 132 2.71 -12.32 -1.12
N PRO A 133 3.97 -12.74 -0.96
CA PRO A 133 4.65 -12.57 0.34
C PRO A 133 4.94 -11.11 0.69
N GLU A 134 5.08 -10.81 1.97
CA GLU A 134 5.57 -9.49 2.39
C GLU A 134 6.99 -9.28 1.87
N PRO A 135 7.35 -8.02 1.55
CA PRO A 135 8.67 -7.72 0.97
C PRO A 135 9.76 -7.66 2.04
N THR A 136 10.06 -8.81 2.63
CA THR A 136 11.13 -8.91 3.61
C THR A 136 12.04 -10.07 3.24
N TYR A 137 13.27 -10.07 3.73
CA TYR A 137 14.17 -11.17 3.45
C TYR A 137 13.59 -12.47 4.01
N GLU A 138 12.92 -12.40 5.15
CA GLU A 138 12.38 -13.60 5.78
C GLU A 138 11.20 -14.20 5.02
N ASP A 139 10.35 -13.36 4.45
CA ASP A 139 9.10 -13.83 3.84
C ASP A 139 9.17 -13.98 2.32
N PHE A 140 10.01 -13.18 1.68
CA PHE A 140 10.07 -13.10 0.22
C PHE A 140 11.13 -14.09 -0.30
N ASP A 141 10.71 -15.31 -0.63
CA ASP A 141 11.62 -16.35 -1.09
C ASP A 141 12.01 -16.15 -2.56
N GLU A 142 13.29 -15.89 -2.81
CA GLU A 142 13.78 -15.65 -4.17
C GLU A 142 13.61 -16.88 -5.07
N LYS A 143 13.66 -18.08 -4.49
CA LYS A 143 13.62 -19.28 -5.31
C LYS A 143 12.24 -19.44 -5.96
N LEU A 144 11.18 -19.27 -5.18
CA LEU A 144 9.82 -19.31 -5.73
C LEU A 144 9.58 -18.16 -6.71
N PHE A 145 10.03 -16.97 -6.31
CA PHE A 145 9.99 -15.77 -7.17
C PHE A 145 10.57 -16.08 -8.55
N ARG A 146 11.77 -16.66 -8.56
CA ARG A 146 12.44 -17.00 -9.82
C ARG A 146 11.64 -17.99 -10.66
N GLU A 147 11.04 -18.99 -10.01
CA GLU A 147 10.25 -19.97 -10.73
C GLU A 147 9.00 -19.35 -11.36
N LYS A 148 8.33 -18.45 -10.64
CA LYS A 148 7.14 -17.80 -11.17
C LYS A 148 7.48 -16.89 -12.36
N LEU A 149 8.62 -16.19 -12.28
CA LEU A 149 9.06 -15.37 -13.41
C LEU A 149 9.40 -16.21 -14.63
N ARG A 150 10.01 -17.38 -14.41
CA ARG A 150 10.36 -18.28 -15.50
C ARG A 150 9.13 -18.78 -16.26
N LYS A 151 8.03 -18.99 -15.55
CA LYS A 151 6.86 -19.64 -16.14
C LYS A 151 5.88 -18.66 -16.79
N SER A 152 6.21 -17.38 -16.78
CA SER A 152 5.30 -16.38 -17.30
C SER A 152 5.88 -15.62 -18.48
N THR A 153 5.02 -15.16 -19.40
CA THR A 153 5.46 -14.28 -20.47
C THR A 153 4.99 -12.85 -20.25
N LYS A 154 4.46 -12.56 -19.06
CA LYS A 154 4.02 -11.22 -18.72
C LYS A 154 5.21 -10.25 -18.71
N LYS A 155 4.92 -8.96 -18.89
CA LYS A 155 5.90 -7.91 -18.70
C LYS A 155 6.15 -7.71 -17.19
N ILE A 156 7.39 -7.41 -16.81
CA ILE A 156 7.72 -7.40 -15.39
C ILE A 156 6.97 -6.31 -14.59
N LYS A 157 6.77 -5.12 -15.13
CA LYS A 157 6.12 -4.08 -14.32
C LYS A 157 4.65 -4.45 -14.01
N PRO A 158 3.85 -4.75 -15.04
CA PRO A 158 2.48 -5.13 -14.65
C PRO A 158 2.42 -6.37 -13.79
N TYR A 159 3.29 -7.35 -14.01
CA TYR A 159 3.24 -8.56 -13.20
C TYR A 159 3.58 -8.20 -11.74
N LEU A 160 4.58 -7.36 -11.51
CA LEU A 160 4.88 -6.93 -10.12
C LEU A 160 3.69 -6.19 -9.49
N LEU A 161 3.00 -5.38 -10.29
CA LEU A 161 1.86 -4.61 -9.76
C LEU A 161 0.66 -5.47 -9.38
N GLU A 162 0.60 -6.71 -9.87
CA GLU A 162 -0.53 -7.60 -9.57
C GLU A 162 -0.61 -8.07 -8.11
N GLN A 163 0.44 -7.83 -7.32
CA GLN A 163 0.52 -8.16 -5.88
C GLN A 163 0.71 -9.66 -5.58
N THR A 164 0.89 -10.47 -6.61
CA THR A 164 0.93 -11.92 -6.44
C THR A 164 2.35 -12.48 -6.29
N LEU A 165 3.33 -11.82 -6.92
CA LEU A 165 4.74 -12.21 -6.78
C LEU A 165 5.29 -11.76 -5.43
N VAL A 166 4.78 -10.62 -4.98
CA VAL A 166 5.22 -9.96 -3.75
C VAL A 166 4.21 -8.85 -3.49
N ALA A 167 3.92 -8.58 -2.24
CA ALA A 167 2.87 -7.62 -1.90
C ALA A 167 3.43 -6.23 -1.64
N GLY A 168 2.73 -5.20 -2.12
CA GLY A 168 2.99 -3.86 -1.65
C GLY A 168 3.50 -2.83 -2.63
N LEU A 169 3.95 -3.27 -3.81
CA LEU A 169 4.44 -2.34 -4.82
C LEU A 169 3.25 -1.68 -5.52
N GLY A 170 3.33 -0.35 -5.67
CA GLY A 170 2.43 0.37 -6.56
C GLY A 170 3.25 1.13 -7.58
N ASN A 171 2.65 2.10 -8.24
CA ASN A 171 3.28 2.71 -9.42
C ASN A 171 4.60 3.42 -9.08
N ILE A 172 4.64 4.09 -7.94
CA ILE A 172 5.88 4.78 -7.56
C ILE A 172 7.01 3.80 -7.29
N TYR A 173 6.82 2.85 -6.38
CA TYR A 173 7.95 2.02 -5.99
C TYR A 173 8.30 0.98 -7.03
N VAL A 174 7.36 0.60 -7.90
CA VAL A 174 7.78 -0.37 -8.94
C VAL A 174 8.70 0.36 -9.94
N ASP A 175 8.42 1.62 -10.24
CA ASP A 175 9.29 2.37 -11.16
C ASP A 175 10.67 2.54 -10.51
N GLU A 176 10.68 2.85 -9.21
CA GLU A 176 11.93 3.03 -8.47
C GLU A 176 12.72 1.73 -8.43
N VAL A 177 12.03 0.62 -8.21
CA VAL A 177 12.65 -0.68 -8.10
C VAL A 177 13.29 -1.13 -9.42
N LEU A 178 12.58 -0.91 -10.52
CA LEU A 178 13.11 -1.35 -11.82
C LEU A 178 14.31 -0.51 -12.23
N TRP A 179 14.33 0.76 -11.83
CA TRP A 179 15.50 1.58 -12.12
C TRP A 179 16.68 1.06 -11.31
N LEU A 180 16.44 0.76 -10.03
CA LEU A 180 17.50 0.30 -9.17
C LEU A 180 18.06 -1.04 -9.65
N ALA A 181 17.17 -1.90 -10.14
CA ALA A 181 17.57 -3.23 -10.61
C ALA A 181 17.98 -3.22 -12.09
N LYS A 182 17.95 -2.05 -12.73
CA LYS A 182 18.36 -1.89 -14.12
C LYS A 182 17.59 -2.82 -15.07
N ILE A 183 16.27 -2.82 -14.93
CA ILE A 183 15.40 -3.69 -15.71
C ILE A 183 14.33 -2.88 -16.45
N HIS A 184 14.11 -3.19 -17.72
CA HIS A 184 13.09 -2.50 -18.52
C HIS A 184 11.70 -2.90 -18.03
N PRO A 185 10.78 -1.93 -17.86
CA PRO A 185 9.45 -2.29 -17.34
C PRO A 185 8.66 -3.22 -18.27
N GLU A 186 9.02 -3.25 -19.55
CA GLU A 186 8.34 -4.15 -20.48
C GLU A 186 9.14 -5.44 -20.72
N LYS A 187 10.17 -5.69 -19.92
CA LYS A 187 10.94 -6.93 -20.04
C LYS A 187 10.04 -8.13 -19.77
N GLU A 188 9.98 -9.10 -20.68
CA GLU A 188 9.18 -10.30 -20.42
C GLU A 188 9.86 -11.17 -19.35
N THR A 189 9.11 -11.59 -18.33
CA THR A 189 9.77 -12.12 -17.13
C THR A 189 10.53 -13.42 -17.43
N ASN A 190 10.09 -14.20 -18.41
CA ASN A 190 10.80 -15.45 -18.69
C ASN A 190 12.12 -15.22 -19.43
N GLN A 191 12.44 -13.96 -19.72
CA GLN A 191 13.73 -13.61 -20.32
C GLN A 191 14.73 -13.17 -19.26
N LEU A 192 14.25 -12.89 -18.04
CA LEU A 192 15.15 -12.48 -16.96
C LEU A 192 16.10 -13.61 -16.59
N ILE A 193 17.38 -13.29 -16.44
CA ILE A 193 18.36 -14.28 -16.01
C ILE A 193 18.51 -14.25 -14.49
N GLU A 194 19.15 -15.29 -13.94
CA GLU A 194 19.17 -15.47 -12.49
C GLU A 194 19.74 -14.28 -11.72
N SER A 195 20.86 -13.74 -12.20
CA SER A 195 21.49 -12.59 -11.54
C SER A 195 20.59 -11.35 -11.54
N SER A 196 19.83 -11.15 -12.61
CA SER A 196 18.92 -10.00 -12.64
C SER A 196 17.78 -10.20 -11.66
N ILE A 197 17.30 -11.43 -11.56
CA ILE A 197 16.20 -11.71 -10.63
C ILE A 197 16.65 -11.52 -9.18
N HIS A 198 17.90 -11.87 -8.91
CA HIS A 198 18.46 -11.69 -7.57
C HIS A 198 18.54 -10.21 -7.20
N LEU A 199 19.02 -9.38 -8.13
CA LEU A 199 19.08 -7.94 -7.90
C LEU A 199 17.67 -7.36 -7.75
N LEU A 200 16.75 -7.85 -8.57
CA LEU A 200 15.37 -7.37 -8.48
C LEU A 200 14.78 -7.69 -7.11
N HIS A 201 14.94 -8.93 -6.70
CA HIS A 201 14.45 -9.40 -5.40
C HIS A 201 14.98 -8.52 -4.27
N ASP A 202 16.29 -8.34 -4.23
CA ASP A 202 16.91 -7.56 -3.16
C ASP A 202 16.49 -6.08 -3.26
N SER A 203 16.34 -5.56 -4.47
CA SER A 203 15.96 -4.16 -4.66
C SER A 203 14.54 -3.87 -4.17
N ILE A 204 13.63 -4.81 -4.41
CA ILE A 204 12.25 -4.69 -3.93
C ILE A 204 12.26 -4.53 -2.42
N ILE A 205 12.99 -5.42 -1.74
CA ILE A 205 13.08 -5.35 -0.29
C ILE A 205 13.74 -4.06 0.17
N GLU A 206 14.88 -3.72 -0.44
CA GLU A 206 15.63 -2.54 -0.03
C GLU A 206 14.84 -1.23 -0.21
N ILE A 207 14.22 -1.04 -1.37
CA ILE A 207 13.47 0.20 -1.64
C ILE A 207 12.30 0.33 -0.66
N LEU A 208 11.54 -0.74 -0.47
CA LEU A 208 10.34 -0.65 0.37
C LEU A 208 10.71 -0.45 1.84
N GLN A 209 11.78 -1.10 2.29
CA GLN A 209 12.18 -0.95 3.69
C GLN A 209 12.76 0.45 3.92
N LYS A 210 13.48 0.98 2.93
CA LYS A 210 13.98 2.35 3.02
C LYS A 210 12.82 3.35 3.09
N ALA A 211 11.81 3.14 2.24
CA ALA A 211 10.64 4.01 2.22
C ALA A 211 9.90 3.99 3.55
N ILE A 212 9.77 2.81 4.15
CA ILE A 212 9.16 2.67 5.47
C ILE A 212 9.94 3.45 6.51
N LYS A 213 11.27 3.31 6.50
CA LYS A 213 12.11 4.04 7.43
C LYS A 213 11.96 5.56 7.31
N LEU A 214 11.74 6.03 6.08
CA LEU A 214 11.63 7.47 5.84
C LEU A 214 10.19 7.98 5.93
N GLY A 215 9.29 7.11 6.38
CA GLY A 215 7.90 7.50 6.60
C GLY A 215 7.09 7.67 5.34
N GLY A 216 7.48 6.98 4.28
CA GLY A 216 6.74 7.03 3.02
C GLY A 216 6.96 8.29 2.19
N SER A 217 6.29 8.35 1.04
CA SER A 217 6.40 9.49 0.14
C SER A 217 5.18 10.40 0.25
N SER A 218 5.42 11.71 0.36
CA SER A 218 4.33 12.68 0.43
C SER A 218 4.56 13.85 -0.51
N ALA A 224 -3.46 15.00 7.89
CA ALA A 224 -3.61 13.55 7.74
C ALA A 224 -2.41 12.80 8.28
N LEU A 225 -2.66 11.61 8.80
CA LEU A 225 -1.59 10.73 9.27
C LEU A 225 -0.71 10.31 8.10
N GLY A 226 0.59 10.17 8.36
CA GLY A 226 1.54 9.74 7.36
C GLY A 226 1.86 10.80 6.31
N SER A 227 1.54 12.05 6.61
CA SER A 227 1.79 13.15 5.68
C SER A 227 3.13 13.83 5.94
N THR A 228 3.96 13.21 6.78
CA THR A 228 5.25 13.75 7.16
C THR A 228 6.42 12.93 6.58
N GLY A 229 6.17 12.27 5.45
CA GLY A 229 7.17 11.40 4.85
C GLY A 229 8.32 12.14 4.21
N LYS A 230 9.42 11.42 3.96
CA LYS A 230 10.63 12.01 3.40
C LYS A 230 11.14 11.21 2.21
N MET A 231 10.47 10.11 1.88
CA MET A 231 10.93 9.25 0.79
C MET A 231 10.83 9.97 -0.56
N GLN A 232 9.94 10.96 -0.66
CA GLN A 232 9.76 11.67 -1.93
C GLN A 232 11.06 12.35 -2.37
N ASN A 233 11.88 12.77 -1.40
CA ASN A 233 13.17 13.39 -1.72
C ASN A 233 14.17 12.40 -2.30
N GLU A 234 13.92 11.10 -2.14
CA GLU A 234 14.87 10.07 -2.56
C GLU A 234 14.45 9.36 -3.85
N LEU A 235 13.32 9.75 -4.42
CA LEU A 235 12.87 9.12 -5.67
C LEU A 235 13.83 9.47 -6.81
N GLN A 236 14.19 8.47 -7.60
CA GLN A 236 15.15 8.65 -8.68
C GLN A 236 14.48 8.87 -10.03
N VAL A 237 13.31 8.26 -10.23
CA VAL A 237 12.67 8.34 -11.54
C VAL A 237 11.19 8.73 -11.51
N TYR A 238 10.44 8.29 -10.50
CA TYR A 238 9.00 8.53 -10.52
C TYR A 238 8.67 10.02 -10.52
N GLY A 239 7.85 10.44 -11.48
CA GLY A 239 7.40 11.82 -11.56
C GLY A 239 8.47 12.80 -12.00
N LYS A 240 9.56 12.30 -12.59
CA LYS A 240 10.70 13.15 -12.92
C LYS A 240 11.02 13.17 -14.42
N THR A 241 9.98 13.08 -15.23
CA THR A 241 10.12 13.09 -16.69
C THR A 241 11.00 14.25 -17.17
N GLY A 242 11.99 13.92 -18.02
CA GLY A 242 12.86 14.94 -18.59
C GLY A 242 14.01 15.37 -17.70
N GLU A 243 13.99 14.94 -16.44
CA GLU A 243 15.09 15.25 -15.52
C GLU A 243 16.22 14.24 -15.67
N LYS A 244 17.38 14.55 -15.09
CA LYS A 244 18.55 13.72 -15.29
C LYS A 244 18.53 12.46 -14.42
N CYS A 245 19.09 11.36 -14.95
CA CYS A 245 19.27 10.11 -14.22
C CYS A 245 20.64 10.09 -13.55
N SER A 246 21.29 11.26 -13.50
CA SER A 246 22.66 11.42 -13.02
C SER A 246 23.69 10.65 -13.87
N ARG A 247 23.20 10.00 -14.93
CA ARG A 247 24.04 9.16 -15.77
C ARG A 247 24.48 9.91 -17.03
N CYS A 248 25.52 10.72 -16.90
CA CYS A 248 26.20 11.35 -18.03
C CYS A 248 25.29 12.23 -18.90
N GLY A 249 24.12 12.61 -18.38
CA GLY A 249 23.23 13.48 -19.13
C GLY A 249 21.98 12.78 -19.65
N ALA A 250 21.83 11.50 -19.33
CA ALA A 250 20.62 10.79 -19.72
C ALA A 250 19.40 11.32 -18.97
N GLU A 251 18.25 11.30 -19.63
CA GLU A 251 17.04 11.84 -19.02
C GLU A 251 15.98 10.76 -18.81
N ILE A 252 15.15 10.96 -17.81
CA ILE A 252 14.03 10.08 -17.55
C ILE A 252 12.97 10.21 -18.64
N GLN A 253 12.52 9.10 -19.19
CA GLN A 253 11.43 9.11 -20.16
C GLN A 253 10.15 8.61 -19.51
N LYS A 254 9.01 9.12 -19.96
CA LYS A 254 7.74 8.59 -19.48
C LYS A 254 7.01 7.90 -20.62
N ILE A 255 6.63 6.65 -20.42
CA ILE A 255 5.84 5.93 -21.40
C ILE A 255 4.61 5.35 -20.71
N LYS A 256 3.73 4.72 -21.48
CA LYS A 256 2.57 4.06 -20.88
C LYS A 256 2.74 2.55 -20.98
N VAL A 257 2.66 1.85 -19.85
CA VAL A 257 2.80 0.40 -19.85
C VAL A 257 1.59 -0.20 -19.16
N ALA A 258 0.84 -1.02 -19.91
CA ALA A 258 -0.38 -1.66 -19.39
C ALA A 258 -1.28 -0.65 -18.68
N GLY A 259 -1.50 0.51 -19.29
CA GLY A 259 -2.37 1.53 -18.74
C GLY A 259 -1.79 2.44 -17.68
N ARG A 260 -0.53 2.23 -17.31
CA ARG A 260 0.05 3.02 -16.22
C ARG A 260 1.18 3.91 -16.69
N GLY A 261 1.22 5.14 -16.17
CA GLY A 261 2.33 6.05 -16.41
C GLY A 261 3.60 5.38 -15.91
N THR A 262 4.66 5.44 -16.71
CA THR A 262 5.85 4.64 -16.43
C THR A 262 7.11 5.47 -16.65
N HIS A 263 7.88 5.64 -15.59
CA HIS A 263 9.06 6.49 -15.62
C HIS A 263 10.31 5.62 -15.56
N PHE A 264 11.19 5.76 -16.56
CA PHE A 264 12.39 4.95 -16.53
C PHE A 264 13.53 5.66 -17.23
N CYS A 265 14.72 5.12 -17.04
CA CYS A 265 15.91 5.64 -17.70
CA CYS A 265 15.94 5.64 -17.67
C CYS A 265 16.41 4.65 -18.73
N PRO A 266 16.06 4.89 -20.00
CA PRO A 266 16.36 3.98 -21.12
C PRO A 266 17.78 3.46 -21.13
N VAL A 267 18.77 4.33 -20.93
CA VAL A 267 20.16 3.89 -21.04
C VAL A 267 20.52 2.86 -19.95
N CYS A 268 19.82 2.93 -18.83
CA CYS A 268 20.05 2.10 -17.65
C CYS A 268 19.20 0.82 -17.70
N GLN A 269 18.13 0.87 -18.47
CA GLN A 269 17.09 -0.14 -18.37
C GLN A 269 16.74 -0.73 -19.72
N GLN A 270 17.76 -1.19 -20.45
CA GLN A 270 17.54 -1.89 -21.70
C GLN A 270 17.07 -3.32 -21.43
N LYS A 271 16.29 -3.88 -22.33
CA LYS A 271 15.95 -5.29 -22.24
C LYS A 271 17.20 -6.14 -22.48
O5' 3DR B 7 -0.18 6.13 -9.00
P 3DR B 7 -0.16 6.94 -10.36
OP1 3DR B 7 1.24 7.16 -10.86
OP2 3DR B 7 -1.01 6.16 -11.34
C2' 3DR B 7 -1.17 5.71 -5.20
C5' 3DR B 7 0.23 6.62 -7.78
C4' 3DR B 7 0.52 5.57 -6.73
O4' 3DR B 7 1.09 6.17 -5.63
C1' 3DR B 7 0.08 6.34 -4.68
C3' 3DR B 7 -0.72 4.90 -6.24
O3' 3DR B 7 -0.41 3.65 -5.69
C1 GOL D . -9.65 -3.40 -2.20
O1 GOL D . -10.51 -2.35 -1.83
C2 GOL D . -10.15 -4.75 -1.68
O2 GOL D . -9.55 -5.78 -2.43
C3 GOL D . -11.69 -4.85 -1.66
O3 GOL D . -12.23 -4.32 -2.86
C6 2ON E . 23.65 2.99 -12.33
N1 2ON E . 23.63 3.36 -13.63
C2 2ON E . 22.43 3.25 -14.34
N3 2ON E . 21.30 2.77 -13.70
C4 2ON E . 21.35 2.42 -12.44
C5 2ON E . 22.50 2.53 -11.77
N9 2ON E . 20.39 1.94 -11.65
C8 2ON E . 20.96 1.74 -10.46
N7 2ON E . 22.24 2.11 -10.52
O6 2ON E . 24.82 3.08 -11.57
S2 2ON E . 22.37 3.72 -16.05
C6 2ON F . 28.54 10.08 -13.31
N1 2ON F . 28.30 9.14 -14.25
C2 2ON F . 28.49 9.49 -15.59
N3 2ON F . 28.92 10.76 -15.92
C4 2ON F . 29.14 11.65 -14.97
C5 2ON F . 28.95 11.30 -13.69
N9 2ON F . 29.55 12.92 -15.06
C8 2ON F . 29.62 13.38 -13.81
N7 2ON F . 29.26 12.40 -12.96
O6 2ON F . 28.37 9.78 -11.95
S2 2ON F . 28.19 8.28 -16.86
C6 2ON G . -3.43 -4.71 -8.60
N1 2ON G . -2.81 -3.62 -8.11
C2 2ON G . -2.11 -2.78 -9.01
N3 2ON G . -2.08 -3.08 -10.35
C4 2ON G . -2.70 -4.16 -10.78
C5 2ON G . -3.36 -4.93 -9.92
N9 2ON G . -2.81 -4.62 -12.02
C8 2ON G . -3.54 -5.73 -11.94
N7 2ON G . -3.88 -5.94 -10.66
O6 2ON G . -4.14 -5.60 -7.77
S2 2ON G . -1.25 -1.34 -8.46
#